data_4LKR
#
_entry.id   4LKR
#
_cell.length_a   153.641
_cell.length_b   153.641
_cell.length_c   52.704
_cell.angle_alpha   90.000
_cell.angle_beta   90.000
_cell.angle_gamma   120.000
#
_symmetry.space_group_name_H-M   'P 63 2 2'
#
loop_
_entity.id
_entity.type
_entity.pdbx_description
1 polymer 'Purine nucleoside phosphorylase DeoD-type'
2 water water
#
_entity_poly.entity_id   1
_entity_poly.type   'polypeptide(L)'
_entity_poly.pdbx_seq_one_letter_code
;(MSE)HHHHHHSSGVDLGTENLYFQS(MSE)TAHINAQPTDFAETVI(MSE)PGDPLRAKYIAETYLTDAVEVTNVRN
(MSE)LGYTGYYQGQRISV(MSE)GHG(MSE)GISS(MSE)VLYGHELINFFGVKRIIRIGSLGATQQHVE(MSE)RDVI
LAQAAGTDSPTNAKRSSGYH(MSE)ATSATFSLLHKAYTKANEKGISVKVGNVFSGDLYYDPDED(MSE)IPALERFGVL
GID(MSE)EVAGLYGLAHQQGIESLAILTVSDHCLTGEETTAQERQLSFNN(MSE)IELALETALN
;
_entity_poly.pdbx_strand_id   A
#
# COMPACT_ATOMS: atom_id res chain seq x y z
N THR A 24 -3.87 8.50 21.72
CA THR A 24 -3.04 8.04 20.58
C THR A 24 -1.81 7.24 21.03
N ALA A 25 -2.04 6.17 21.78
CA ALA A 25 -0.97 5.42 22.43
C ALA A 25 -0.05 4.69 21.44
N HIS A 26 -0.26 4.87 20.15
CA HIS A 26 0.42 4.02 19.17
C HIS A 26 1.39 4.77 18.28
N ILE A 27 1.30 6.09 18.29
CA ILE A 27 2.23 6.93 17.55
C ILE A 27 2.73 7.98 18.54
N ASN A 28 4.05 8.08 18.71
CA ASN A 28 4.61 9.06 19.64
C ASN A 28 5.25 10.25 18.93
N ALA A 29 4.63 10.70 17.85
CA ALA A 29 5.01 11.96 17.22
C ALA A 29 4.26 13.12 17.88
N GLN A 30 4.68 14.34 17.54
CA GLN A 30 3.98 15.57 17.82
C GLN A 30 2.92 15.73 16.73
N PRO A 31 1.81 16.45 17.03
CA PRO A 31 0.67 16.64 16.11
C PRO A 31 1.03 17.10 14.69
N THR A 32 2.00 17.98 14.55
CA THR A 32 2.42 18.48 13.24
C THR A 32 3.54 17.65 12.55
N ASP A 33 3.95 16.52 13.12
CA ASP A 33 5.14 15.81 12.63
C ASP A 33 5.01 15.05 11.30
N PHE A 34 3.79 14.95 10.75
CA PHE A 34 3.59 14.22 9.51
C PHE A 34 3.25 15.13 8.34
N ALA A 35 3.68 14.72 7.15
CA ALA A 35 3.23 15.37 5.92
C ALA A 35 1.78 14.95 5.65
N GLU A 36 1.10 15.63 4.74
CA GLU A 36 -0.29 15.29 4.45
C GLU A 36 -0.42 13.96 3.71
N THR A 37 0.65 13.54 3.06
CA THR A 37 0.70 12.20 2.50
C THR A 37 1.67 11.37 3.32
N VAL A 38 1.25 10.13 3.60
CA VAL A 38 2.14 9.15 4.19
C VAL A 38 2.21 7.90 3.31
N ILE A 39 3.43 7.56 2.91
CA ILE A 39 3.66 6.32 2.20
C ILE A 39 3.89 5.24 3.26
N PRO A 41 4.78 1.19 3.87
CA PRO A 41 4.97 -0.25 3.70
C PRO A 41 4.51 -0.95 4.99
N GLY A 42 4.51 -2.29 4.95
CA GLY A 42 4.14 -3.07 6.12
C GLY A 42 5.26 -3.08 7.14
N ASP A 43 6.46 -3.28 6.62
CA ASP A 43 7.68 -3.42 7.38
C ASP A 43 8.26 -2.04 7.78
N PRO A 44 8.37 -1.76 9.09
CA PRO A 44 8.95 -0.47 9.51
C PRO A 44 10.42 -0.31 9.06
N LEU A 45 11.16 -1.41 8.96
CA LEU A 45 12.54 -1.40 8.45
C LEU A 45 12.60 -1.00 6.97
N ARG A 46 11.52 -1.25 6.23
CA ARG A 46 11.38 -0.77 4.87
C ARG A 46 11.18 0.75 4.84
N ALA A 47 10.36 1.27 5.76
CA ALA A 47 10.18 2.72 5.89
C ALA A 47 11.52 3.38 6.21
N LYS A 48 12.24 2.82 7.17
CA LYS A 48 13.58 3.32 7.49
C LYS A 48 14.47 3.40 6.25
N TYR A 49 14.57 2.28 5.55
CA TYR A 49 15.38 2.20 4.34
C TYR A 49 15.00 3.25 3.32
N ILE A 50 13.70 3.44 3.10
CA ILE A 50 13.20 4.45 2.16
C ILE A 50 13.58 5.87 2.60
N ALA A 51 13.46 6.13 3.90
CA ALA A 51 13.78 7.43 4.49
C ALA A 51 15.27 7.76 4.33
N GLU A 52 16.14 6.77 4.50
CA GLU A 52 17.57 6.96 4.31
C GLU A 52 17.98 6.98 2.85
N THR A 53 17.33 6.17 2.02
CA THR A 53 17.75 6.06 0.62
C THR A 53 17.14 7.09 -0.33
N TYR A 54 15.88 7.48 -0.13
CA TYR A 54 15.18 8.31 -1.09
C TYR A 54 14.83 9.70 -0.60
N LEU A 55 14.77 9.89 0.70
CA LEU A 55 14.32 11.16 1.23
C LEU A 55 15.50 12.04 1.57
N THR A 56 15.31 13.35 1.46
CA THR A 56 16.27 14.34 1.94
C THR A 56 15.88 14.73 3.34
N ASP A 57 16.85 14.67 4.25
CA ASP A 57 16.65 15.18 5.61
C ASP A 57 15.52 14.50 6.36
N ALA A 58 15.38 13.18 6.16
CA ALA A 58 14.36 12.41 6.87
C ALA A 58 14.64 12.46 8.37
N VAL A 59 13.59 12.66 9.17
CA VAL A 59 13.71 12.57 10.62
C VAL A 59 12.75 11.48 11.10
N GLU A 60 13.25 10.59 11.95
CA GLU A 60 12.39 9.62 12.64
C GLU A 60 11.45 10.38 13.57
N VAL A 61 10.14 10.25 13.35
CA VAL A 61 9.14 10.97 14.16
C VAL A 61 8.35 10.06 15.10
N THR A 62 8.38 8.75 14.86
CA THR A 62 7.66 7.84 15.73
C THR A 62 8.36 6.50 15.79
N ASN A 63 8.35 5.88 16.97
CA ASN A 63 8.94 4.55 17.13
C ASN A 63 8.28 3.68 18.19
N VAL A 64 7.16 4.13 18.76
CA VAL A 64 6.34 3.27 19.62
C VAL A 64 6.22 1.86 19.02
N ARG A 65 6.53 0.86 19.84
CA ARG A 65 6.36 -0.56 19.50
C ARG A 65 7.20 -0.96 18.31
N ASN A 66 8.32 -0.26 18.08
CA ASN A 66 9.20 -0.52 16.96
C ASN A 66 8.58 -0.22 15.59
N LEU A 68 8.34 2.18 13.09
CA LEU A 68 9.08 3.39 12.77
C LEU A 68 8.41 4.21 11.65
N GLY A 69 8.43 5.53 11.81
CA GLY A 69 7.94 6.46 10.80
C GLY A 69 8.82 7.68 10.71
N TYR A 70 8.84 8.29 9.52
CA TYR A 70 9.79 9.35 9.16
C TYR A 70 9.10 10.49 8.41
N THR A 71 9.67 11.68 8.51
CA THR A 71 9.22 12.83 7.71
C THR A 71 10.45 13.50 7.11
N GLY A 72 10.39 13.71 5.80
CA GLY A 72 11.52 14.21 5.04
C GLY A 72 11.06 14.95 3.82
N TYR A 73 11.96 15.13 2.87
CA TYR A 73 11.63 15.79 1.64
C TYR A 73 11.97 14.95 0.43
N TYR A 74 11.10 15.05 -0.56
CA TYR A 74 11.37 14.53 -1.87
C TYR A 74 11.14 15.65 -2.88
N GLN A 75 12.18 15.88 -3.69
CA GLN A 75 12.15 16.94 -4.69
C GLN A 75 11.55 18.20 -4.10
N GLY A 76 12.10 18.63 -2.97
CA GLY A 76 11.69 19.84 -2.28
C GLY A 76 10.30 19.84 -1.67
N GLN A 77 9.65 18.68 -1.60
CA GLN A 77 8.33 18.60 -0.99
C GLN A 77 8.29 17.66 0.23
N ARG A 78 7.52 18.07 1.25
CA ARG A 78 7.41 17.29 2.49
C ARG A 78 6.60 16.00 2.31
N ILE A 79 7.10 14.91 2.90
CA ILE A 79 6.52 13.59 2.69
C ILE A 79 6.88 12.69 3.88
N SER A 80 5.95 11.83 4.30
CA SER A 80 6.25 10.89 5.40
C SER A 80 6.20 9.43 4.94
N VAL A 81 6.98 8.58 5.60
CA VAL A 81 6.94 7.14 5.32
C VAL A 81 6.95 6.39 6.65
N GLY A 83 5.90 2.38 8.61
CA GLY A 83 5.38 1.01 8.69
C GLY A 83 3.96 0.96 9.23
N HIS A 84 3.19 -0.02 8.76
CA HIS A 84 1.82 -0.20 9.23
C HIS A 84 1.58 -1.58 9.85
N GLY A 85 2.61 -2.42 9.83
CA GLY A 85 2.54 -3.79 10.39
C GLY A 85 1.66 -4.70 9.57
N GLY A 87 -1.56 -7.16 8.54
CA GLY A 87 -2.99 -7.35 8.69
C GLY A 87 -3.78 -6.04 8.75
N ILE A 88 -5.03 -6.14 8.29
CA ILE A 88 -5.93 -5.00 8.25
C ILE A 88 -6.08 -4.31 9.63
N SER A 89 -6.29 -5.10 10.69
CA SER A 89 -6.40 -4.58 12.06
C SER A 89 -5.25 -3.64 12.43
N SER A 90 -4.03 -4.04 12.10
CA SER A 90 -2.83 -3.24 12.32
C SER A 90 -2.86 -1.98 11.46
N VAL A 92 -5.23 -0.36 9.72
CA VAL A 92 -6.31 0.61 9.89
C VAL A 92 -6.31 1.32 11.24
N LEU A 93 -5.65 0.71 12.23
CA LEU A 93 -5.46 1.35 13.52
C LEU A 93 -4.49 2.52 13.36
N TYR A 94 -3.34 2.25 12.72
CA TYR A 94 -2.37 3.31 12.44
C TYR A 94 -2.97 4.35 11.52
N GLY A 95 -3.63 3.87 10.46
CA GLY A 95 -4.28 4.74 9.51
C GLY A 95 -5.25 5.68 10.20
N HIS A 96 -6.08 5.12 11.10
CA HIS A 96 -7.07 5.93 11.79
C HIS A 96 -6.39 7.02 12.62
N GLU A 97 -5.29 6.69 13.29
CA GLU A 97 -4.60 7.68 14.12
C GLU A 97 -3.97 8.82 13.27
N LEU A 98 -3.31 8.43 12.17
CA LEU A 98 -2.74 9.40 11.24
C LEU A 98 -3.79 10.40 10.78
N ILE A 99 -4.91 9.90 10.27
CA ILE A 99 -6.01 10.74 9.80
C ILE A 99 -6.54 11.66 10.91
N ASN A 100 -6.79 11.09 12.09
CA ASN A 100 -7.57 11.79 13.09
C ASN A 100 -6.77 12.64 14.06
N PHE A 101 -5.52 12.27 14.31
CA PHE A 101 -4.68 13.03 15.25
C PHE A 101 -3.50 13.71 14.59
N PHE A 102 -3.22 13.40 13.33
CA PHE A 102 -1.99 13.90 12.72
C PHE A 102 -2.25 14.56 11.39
N GLY A 103 -3.53 14.79 11.11
CA GLY A 103 -3.97 15.66 10.00
C GLY A 103 -3.75 15.09 8.62
N VAL A 104 -3.44 13.80 8.54
CA VAL A 104 -3.06 13.13 7.28
C VAL A 104 -4.22 13.01 6.29
N LYS A 105 -3.97 13.35 5.03
CA LYS A 105 -5.02 13.43 4.03
C LYS A 105 -4.91 12.40 2.91
N ARG A 106 -3.81 11.65 2.91
CA ARG A 106 -3.55 10.71 1.85
C ARG A 106 -2.58 9.65 2.31
N ILE A 107 -2.94 8.39 2.06
CA ILE A 107 -2.09 7.30 2.40
C ILE A 107 -1.89 6.44 1.16
N ILE A 108 -0.63 6.24 0.77
CA ILE A 108 -0.32 5.31 -0.29
C ILE A 108 0.38 4.10 0.31
N ARG A 109 -0.26 2.94 0.19
CA ARG A 109 0.37 1.69 0.60
C ARG A 109 1.28 1.19 -0.51
N ILE A 110 2.47 0.79 -0.10
CA ILE A 110 3.43 0.13 -0.98
C ILE A 110 3.63 -1.25 -0.40
N GLY A 111 3.28 -2.29 -1.13
CA GLY A 111 3.41 -3.62 -0.60
C GLY A 111 3.84 -4.64 -1.63
N SER A 112 3.63 -5.90 -1.31
CA SER A 112 3.78 -6.92 -2.32
C SER A 112 2.60 -7.85 -2.25
N LEU A 113 2.37 -8.62 -3.29
CA LEU A 113 1.26 -9.56 -3.31
C LEU A 113 1.71 -10.88 -3.91
N GLY A 114 0.92 -11.92 -3.68
CA GLY A 114 1.08 -13.20 -4.34
C GLY A 114 0.25 -13.12 -5.62
N ALA A 115 0.88 -13.30 -6.77
CA ALA A 115 0.19 -13.17 -8.05
C ALA A 115 -0.78 -14.33 -8.28
N THR A 116 -1.97 -14.01 -8.81
CA THR A 116 -2.99 -15.03 -9.06
C THR A 116 -3.53 -15.03 -10.51
N GLN A 117 -2.75 -14.47 -11.43
CA GLN A 117 -3.07 -14.57 -12.88
C GLN A 117 -1.82 -14.98 -13.67
N GLN A 118 -2.02 -15.77 -14.71
CA GLN A 118 -0.88 -16.24 -15.52
C GLN A 118 -0.20 -15.07 -16.23
N HIS A 119 -0.99 -14.10 -16.68
CA HIS A 119 -0.42 -12.95 -17.38
C HIS A 119 0.29 -11.94 -16.46
N VAL A 120 0.18 -12.12 -15.14
CA VAL A 120 0.93 -11.28 -14.21
C VAL A 120 2.35 -11.82 -14.06
N GLU A 121 3.33 -10.94 -14.25
CA GLU A 121 4.74 -11.31 -14.23
C GLU A 121 5.50 -10.78 -13.02
N ARG A 123 8.05 -9.13 -12.63
CA ARG A 123 8.55 -7.76 -12.70
C ARG A 123 7.46 -6.68 -12.74
N ASP A 124 6.19 -7.10 -12.71
CA ASP A 124 5.08 -6.15 -12.82
C ASP A 124 4.86 -5.37 -11.53
N VAL A 125 4.49 -4.12 -11.66
CA VAL A 125 3.99 -3.37 -10.53
C VAL A 125 2.47 -3.36 -10.67
N ILE A 126 1.76 -3.71 -9.60
CA ILE A 126 0.31 -3.76 -9.63
C ILE A 126 -0.27 -2.47 -9.02
N LEU A 127 -1.17 -1.83 -9.77
CA LEU A 127 -1.95 -0.73 -9.22
C LEU A 127 -3.34 -1.26 -8.88
N ALA A 128 -3.67 -1.25 -7.59
CA ALA A 128 -4.92 -1.81 -7.09
C ALA A 128 -6.07 -0.85 -7.32
N GLN A 129 -6.84 -1.09 -8.37
CA GLN A 129 -8.02 -0.29 -8.68
C GLN A 129 -9.06 -0.38 -7.56
N ALA A 130 -9.35 -1.61 -7.17
CA ALA A 130 -10.31 -1.92 -6.11
C ALA A 130 -9.85 -3.19 -5.41
N ALA A 131 -10.40 -3.42 -4.21
CA ALA A 131 -10.07 -4.60 -3.43
C ALA A 131 -11.31 -5.18 -2.76
N GLY A 132 -11.32 -6.50 -2.62
CA GLY A 132 -12.31 -7.20 -1.80
C GLY A 132 -11.57 -7.84 -0.63
N THR A 133 -12.32 -8.42 0.30
CA THR A 133 -11.71 -8.92 1.54
C THR A 133 -12.63 -9.95 2.21
N ASP A 134 -12.06 -10.76 3.10
CA ASP A 134 -12.89 -11.52 4.06
C ASP A 134 -12.95 -10.83 5.44
N SER A 135 -12.33 -9.68 5.59
CA SER A 135 -12.51 -8.92 6.83
C SER A 135 -13.89 -8.27 6.83
N PRO A 136 -14.69 -8.54 7.87
CA PRO A 136 -15.98 -7.85 7.85
C PRO A 136 -15.89 -6.40 8.37
N THR A 137 -14.67 -5.90 8.57
CA THR A 137 -14.48 -4.53 9.09
C THR A 137 -14.94 -3.46 8.09
N ASN A 138 -14.80 -3.74 6.80
CA ASN A 138 -15.25 -2.80 5.78
C ASN A 138 -16.77 -2.64 5.77
N ALA A 139 -17.50 -3.76 5.72
CA ALA A 139 -18.97 -3.73 5.81
C ALA A 139 -19.44 -2.97 7.05
N LYS A 140 -18.74 -3.14 8.17
CA LYS A 140 -19.10 -2.46 9.39
C LYS A 140 -18.89 -0.94 9.26
N ARG A 141 -17.82 -0.52 8.60
CA ARG A 141 -17.60 0.90 8.31
C ARG A 141 -18.71 1.51 7.45
N SER A 142 -19.18 0.73 6.48
CA SER A 142 -20.14 1.21 5.50
C SER A 142 -21.56 0.78 5.86
N SER A 143 -21.91 0.98 7.14
CA SER A 143 -23.28 0.83 7.67
C SER A 143 -23.93 -0.55 7.48
N GLY A 144 -23.12 -1.59 7.36
CA GLY A 144 -23.65 -2.94 7.20
C GLY A 144 -23.76 -3.35 5.73
N TYR A 145 -23.64 -2.40 4.82
CA TYR A 145 -23.68 -2.72 3.39
C TYR A 145 -22.29 -3.04 2.85
N HIS A 146 -22.26 -3.96 1.88
CA HIS A 146 -21.04 -4.34 1.17
C HIS A 146 -20.69 -3.35 0.06
N ALA A 148 -18.44 -0.85 -2.28
CA ALA A 148 -17.13 -0.99 -2.94
C ALA A 148 -16.05 -0.29 -2.16
N THR A 149 -14.83 -0.86 -2.22
CA THR A 149 -13.64 -0.23 -1.63
C THR A 149 -12.55 -0.14 -2.68
N SER A 150 -12.28 1.08 -3.13
CA SER A 150 -11.39 1.32 -4.25
C SER A 150 -10.40 2.49 -4.03
N ALA A 151 -9.37 2.56 -4.89
CA ALA A 151 -8.38 3.63 -4.89
C ALA A 151 -8.98 4.91 -5.39
N THR A 152 -8.50 6.03 -4.84
CA THR A 152 -8.85 7.36 -5.36
C THR A 152 -8.42 7.44 -6.81
N PHE A 153 -9.35 7.74 -7.72
CA PHE A 153 -9.03 7.67 -9.14
C PHE A 153 -7.89 8.60 -9.59
N SER A 154 -7.93 9.87 -9.17
CA SER A 154 -6.87 10.82 -9.50
C SER A 154 -5.48 10.24 -9.22
N LEU A 155 -5.31 9.66 -8.03
CA LEU A 155 -4.08 8.96 -7.69
C LEU A 155 -3.81 7.74 -8.58
N LEU A 156 -4.83 6.91 -8.78
CA LEU A 156 -4.72 5.75 -9.64
C LEU A 156 -4.27 6.18 -11.06
N HIS A 157 -4.88 7.24 -11.57
CA HIS A 157 -4.60 7.72 -12.91
C HIS A 157 -3.18 8.27 -12.99
N LYS A 158 -2.80 9.04 -11.97
CA LYS A 158 -1.46 9.63 -11.92
C LYS A 158 -0.34 8.58 -11.91
N ALA A 159 -0.50 7.53 -11.10
CA ALA A 159 0.49 6.48 -11.00
C ALA A 159 0.59 5.72 -12.32
N TYR A 160 -0.56 5.48 -12.94
CA TYR A 160 -0.61 4.85 -14.24
C TYR A 160 0.17 5.65 -15.26
N THR A 161 -0.15 6.93 -15.33
CA THR A 161 0.52 7.84 -16.25
C THR A 161 2.02 7.85 -16.02
N LYS A 162 2.45 8.01 -14.77
CA LYS A 162 3.87 8.03 -14.46
C LYS A 162 4.56 6.72 -14.83
N ALA A 163 3.92 5.59 -14.55
CA ALA A 163 4.51 4.29 -14.87
C ALA A 163 4.79 4.21 -16.38
N ASN A 164 3.83 4.68 -17.17
CA ASN A 164 3.97 4.77 -18.61
C ASN A 164 5.05 5.74 -19.07
N GLU A 165 5.05 6.96 -18.51
CA GLU A 165 6.10 7.91 -18.83
C GLU A 165 7.47 7.34 -18.48
N LYS A 166 7.55 6.54 -17.43
CA LYS A 166 8.82 6.01 -16.97
C LYS A 166 9.19 4.67 -17.61
N GLY A 167 8.31 4.14 -18.43
CA GLY A 167 8.53 2.82 -19.02
C GLY A 167 8.48 1.66 -18.03
N ILE A 168 7.79 1.86 -16.91
CA ILE A 168 7.62 0.82 -15.89
C ILE A 168 6.41 -0.04 -16.24
N SER A 169 6.62 -1.34 -16.26
CA SER A 169 5.57 -2.31 -16.53
C SER A 169 4.49 -2.36 -15.41
N VAL A 170 3.26 -1.92 -15.70
CA VAL A 170 2.18 -1.98 -14.72
C VAL A 170 1.03 -2.88 -15.15
N LYS A 171 0.29 -3.35 -14.16
CA LYS A 171 -1.02 -3.93 -14.39
C LYS A 171 -2.00 -3.30 -13.40
N VAL A 172 -3.15 -2.88 -13.90
CA VAL A 172 -4.17 -2.27 -13.07
C VAL A 172 -5.34 -3.22 -13.01
N GLY A 173 -5.83 -3.50 -11.80
CA GLY A 173 -6.95 -4.41 -11.62
C GLY A 173 -7.30 -4.59 -10.16
N ASN A 174 -7.95 -5.72 -9.86
CA ASN A 174 -8.45 -6.03 -8.52
C ASN A 174 -7.49 -6.90 -7.72
N VAL A 175 -7.40 -6.55 -6.42
CA VAL A 175 -6.71 -7.40 -5.45
C VAL A 175 -7.71 -7.93 -4.41
N PHE A 176 -7.29 -8.98 -3.70
CA PHE A 176 -8.03 -9.46 -2.55
C PHE A 176 -7.12 -9.43 -1.33
N SER A 177 -7.62 -8.88 -0.23
CA SER A 177 -6.88 -8.86 1.04
C SER A 177 -7.50 -9.88 1.97
N GLY A 178 -6.71 -10.89 2.33
CA GLY A 178 -7.21 -11.95 3.20
C GLY A 178 -6.65 -11.81 4.60
N ASP A 179 -7.48 -12.15 5.59
CA ASP A 179 -7.09 -12.05 6.99
C ASP A 179 -6.12 -13.09 7.46
N LEU A 180 -6.14 -14.26 6.83
CA LEU A 180 -5.22 -15.33 7.22
C LEU A 180 -4.18 -15.54 6.16
N TYR A 181 -2.97 -15.11 6.47
CA TYR A 181 -1.85 -15.44 5.65
C TYR A 181 -1.81 -16.96 5.43
N TYR A 182 -2.08 -17.74 6.48
CA TYR A 182 -2.14 -19.19 6.41
C TYR A 182 -3.59 -19.65 6.47
N ASP A 183 -4.28 -19.47 5.35
CA ASP A 183 -5.70 -19.73 5.25
C ASP A 183 -5.97 -21.21 5.05
N PRO A 184 -6.98 -21.76 5.74
CA PRO A 184 -7.31 -23.18 5.60
C PRO A 184 -8.01 -23.58 4.27
N ASP A 185 -8.49 -22.59 3.52
CA ASP A 185 -9.20 -22.88 2.26
C ASP A 185 -8.20 -23.11 1.12
N GLU A 186 -8.03 -24.38 0.74
CA GLU A 186 -7.10 -24.73 -0.33
C GLU A 186 -7.57 -24.24 -1.70
N ASP A 187 -8.85 -23.93 -1.83
CA ASP A 187 -9.37 -23.45 -3.09
C ASP A 187 -9.27 -21.92 -3.24
N ILE A 189 -6.76 -19.54 -3.63
CA ILE A 189 -5.98 -19.08 -4.80
C ILE A 189 -6.71 -19.39 -6.13
N PRO A 190 -7.13 -20.65 -6.34
CA PRO A 190 -7.88 -20.90 -7.58
C PRO A 190 -9.15 -20.03 -7.69
N ALA A 191 -9.80 -19.77 -6.55
CA ALA A 191 -11.00 -18.93 -6.53
C ALA A 191 -10.67 -17.52 -7.03
N LEU A 192 -9.56 -16.96 -6.57
CA LEU A 192 -9.12 -15.64 -6.99
C LEU A 192 -8.80 -15.59 -8.49
N GLU A 193 -8.13 -16.62 -8.97
CA GLU A 193 -7.81 -16.74 -10.37
C GLU A 193 -9.09 -16.78 -11.23
N ARG A 194 -10.05 -17.62 -10.85
CA ARG A 194 -11.28 -17.77 -11.62
C ARG A 194 -12.06 -16.45 -11.78
N PHE A 195 -11.84 -15.49 -10.88
CA PHE A 195 -12.63 -14.24 -10.89
C PHE A 195 -11.82 -13.04 -11.40
N GLY A 196 -10.65 -13.32 -11.96
CA GLY A 196 -9.86 -12.25 -12.58
C GLY A 196 -8.88 -11.53 -11.68
N VAL A 197 -8.84 -11.90 -10.41
CA VAL A 197 -8.05 -11.17 -9.42
C VAL A 197 -6.55 -11.23 -9.75
N LEU A 198 -5.89 -10.09 -9.64
CA LEU A 198 -4.47 -9.96 -9.97
C LEU A 198 -3.55 -10.62 -8.92
N GLY A 199 -3.89 -10.45 -7.66
CA GLY A 199 -3.15 -11.11 -6.61
C GLY A 199 -3.75 -10.90 -5.25
N ILE A 200 -3.13 -11.56 -4.26
CA ILE A 200 -3.59 -11.52 -2.89
C ILE A 200 -2.55 -10.84 -1.97
N ASP A 201 -3.04 -10.00 -1.07
CA ASP A 201 -2.23 -9.41 0.01
C ASP A 201 -2.99 -9.49 1.33
N GLU A 203 -3.61 -6.23 3.38
CA GLU A 203 -4.11 -4.92 3.90
C GLU A 203 -4.85 -4.00 2.94
N VAL A 204 -4.69 -4.17 1.63
CA VAL A 204 -5.20 -3.14 0.71
C VAL A 204 -6.67 -2.76 0.96
N ALA A 205 -7.53 -3.76 1.10
CA ALA A 205 -8.94 -3.53 1.28
C ALA A 205 -9.20 -2.69 2.53
N GLY A 206 -8.41 -2.93 3.58
CA GLY A 206 -8.56 -2.20 4.83
C GLY A 206 -8.32 -0.71 4.62
N LEU A 207 -7.23 -0.40 3.94
CA LEU A 207 -6.86 0.97 3.63
C LEU A 207 -7.98 1.66 2.87
N TYR A 208 -8.47 1.01 1.82
CA TYR A 208 -9.53 1.62 1.00
C TYR A 208 -10.81 1.88 1.80
N GLY A 209 -11.20 0.89 2.64
CA GLY A 209 -12.40 1.03 3.48
C GLY A 209 -12.25 2.19 4.45
N LEU A 210 -11.09 2.23 5.10
CA LEU A 210 -10.74 3.31 5.98
C LEU A 210 -10.82 4.65 5.27
N ALA A 211 -10.25 4.70 4.06
CA ALA A 211 -10.20 5.95 3.31
C ALA A 211 -11.58 6.44 2.97
N HIS A 212 -12.45 5.54 2.50
CA HIS A 212 -13.82 5.94 2.19
C HIS A 212 -14.55 6.42 3.45
N GLN A 213 -14.39 5.72 4.56
CA GLN A 213 -15.16 6.01 5.74
C GLN A 213 -14.64 7.31 6.35
N GLN A 214 -13.32 7.52 6.26
CA GLN A 214 -12.70 8.68 6.85
C GLN A 214 -12.67 9.92 5.94
N GLY A 215 -13.03 9.74 4.67
CA GLY A 215 -13.02 10.83 3.70
C GLY A 215 -11.64 11.31 3.28
N ILE A 216 -10.65 10.42 3.24
CA ILE A 216 -9.33 10.80 2.73
C ILE A 216 -9.06 10.07 1.41
N GLU A 217 -7.91 10.38 0.81
CA GLU A 217 -7.48 9.73 -0.41
C GLU A 217 -6.56 8.55 -0.11
N SER A 218 -6.55 7.54 -0.99
CA SER A 218 -5.63 6.41 -0.85
C SER A 218 -5.36 5.69 -2.17
N LEU A 219 -4.30 4.87 -2.17
CA LEU A 219 -3.93 4.01 -3.30
C LEU A 219 -2.94 2.99 -2.79
N ALA A 220 -3.05 1.76 -3.29
CA ALA A 220 -2.02 0.77 -3.06
C ALA A 220 -1.28 0.46 -4.34
N ILE A 221 0.04 0.53 -4.27
CA ILE A 221 0.95 0.13 -5.32
C ILE A 221 1.67 -1.10 -4.78
N LEU A 222 1.76 -2.17 -5.59
CA LEU A 222 2.31 -3.43 -5.09
C LEU A 222 3.24 -4.13 -6.06
N THR A 223 4.32 -4.69 -5.55
CA THR A 223 5.15 -5.58 -6.38
C THR A 223 4.70 -7.03 -6.17
N VAL A 224 5.25 -7.93 -6.97
CA VAL A 224 4.87 -9.33 -6.91
C VAL A 224 5.95 -10.05 -6.10
N SER A 225 5.63 -10.50 -4.91
CA SER A 225 6.63 -11.22 -4.13
C SER A 225 6.68 -12.71 -4.49
N ASP A 226 5.53 -13.31 -4.75
CA ASP A 226 5.47 -14.68 -5.26
C ASP A 226 4.42 -14.81 -6.33
N HIS A 227 4.59 -15.80 -7.19
CA HIS A 227 3.54 -16.16 -8.12
C HIS A 227 2.88 -17.43 -7.63
N CYS A 228 1.66 -17.28 -7.14
CA CYS A 228 0.90 -18.39 -6.55
C CYS A 228 0.46 -19.44 -7.55
N LEU A 229 0.53 -19.12 -8.85
CA LEU A 229 0.16 -20.09 -9.88
C LEU A 229 1.37 -20.86 -10.40
N THR A 230 2.48 -20.16 -10.62
CA THR A 230 3.67 -20.77 -11.23
C THR A 230 4.81 -21.07 -10.26
N GLY A 231 4.81 -20.42 -9.10
CA GLY A 231 5.91 -20.55 -8.14
C GLY A 231 7.25 -20.05 -8.65
N GLU A 232 7.26 -19.29 -9.75
CA GLU A 232 8.49 -18.83 -10.39
C GLU A 232 9.40 -18.00 -9.48
N GLU A 233 10.71 -18.19 -9.65
CA GLU A 233 11.75 -17.59 -8.81
C GLU A 233 12.42 -16.36 -9.49
N THR A 234 13.04 -15.49 -8.68
CA THR A 234 13.73 -14.29 -9.17
C THR A 234 15.12 -14.09 -8.57
N THR A 235 16.01 -13.43 -9.31
CA THR A 235 17.27 -12.96 -8.72
C THR A 235 16.97 -11.78 -7.79
N ALA A 236 17.89 -11.52 -6.85
CA ALA A 236 17.73 -10.43 -5.88
C ALA A 236 17.73 -9.07 -6.57
N GLN A 237 18.42 -8.97 -7.71
CA GLN A 237 18.46 -7.73 -8.47
C GLN A 237 17.18 -7.48 -9.26
N GLU A 238 16.49 -8.54 -9.66
CA GLU A 238 15.14 -8.41 -10.23
C GLU A 238 14.15 -7.94 -9.17
N ARG A 239 14.24 -8.54 -7.99
CA ARG A 239 13.43 -8.17 -6.82
C ARG A 239 13.63 -6.69 -6.48
N GLN A 240 14.89 -6.23 -6.53
CA GLN A 240 15.26 -4.86 -6.20
C GLN A 240 14.80 -3.81 -7.22
N LEU A 241 14.79 -4.18 -8.50
CA LEU A 241 14.32 -3.30 -9.55
C LEU A 241 12.81 -3.03 -9.42
N SER A 242 12.07 -4.05 -9.01
CA SER A 242 10.64 -3.93 -8.73
C SER A 242 10.44 -2.91 -7.63
N PHE A 243 11.18 -3.12 -6.55
CA PHE A 243 11.06 -2.30 -5.38
C PHE A 243 11.30 -0.85 -5.74
N ASN A 244 12.46 -0.56 -6.30
CA ASN A 244 12.79 0.79 -6.72
C ASN A 244 11.67 1.41 -7.57
N ASN A 245 11.22 0.68 -8.58
CA ASN A 245 10.12 1.16 -9.40
C ASN A 245 8.89 1.57 -8.58
N ILE A 247 8.76 2.41 -5.42
CA ILE A 247 9.04 3.58 -4.56
C ILE A 247 9.01 4.86 -5.36
N GLU A 248 9.65 4.84 -6.52
CA GLU A 248 9.68 6.00 -7.37
C GLU A 248 8.27 6.39 -7.74
N LEU A 249 7.49 5.38 -8.12
CA LEU A 249 6.11 5.59 -8.50
C LEU A 249 5.30 6.18 -7.35
N ALA A 250 5.48 5.64 -6.14
CA ALA A 250 4.74 6.10 -4.97
C ALA A 250 5.10 7.54 -4.64
N LEU A 251 6.38 7.87 -4.76
CA LEU A 251 6.86 9.22 -4.47
C LEU A 251 6.34 10.26 -5.46
N GLU A 252 6.36 9.91 -6.75
CA GLU A 252 5.91 10.80 -7.80
C GLU A 252 4.40 10.98 -7.78
N THR A 253 3.69 9.90 -7.47
CA THR A 253 2.25 9.97 -7.30
C THR A 253 1.89 10.88 -6.13
N ALA A 254 2.60 10.74 -5.03
CA ALA A 254 2.31 11.49 -3.80
C ALA A 254 2.54 12.98 -3.98
N LEU A 255 3.57 13.33 -4.73
CA LEU A 255 4.04 14.71 -4.75
C LEU A 255 3.36 15.57 -5.78
N ASN A 256 2.62 16.53 -5.23
CA ASN A 256 1.63 17.35 -5.93
C ASN A 256 2.24 18.40 -6.84
#